data_3QOQ
#
_entry.id   3QOQ
#
_cell.length_a   129.465
_cell.length_b   129.465
_cell.length_c   152.554
_cell.angle_alpha   90.000
_cell.angle_beta   90.000
_cell.angle_gamma   90.000
#
_symmetry.space_group_name_H-M   'I 4 2 2'
#
loop_
_entity.id
_entity.type
_entity.pdbx_description
1 polymer 'Alginate and motility regulator Z'
2 polymer "DNA (5'-D(*AP*CP*TP*GP*GP*CP*AP*AP*AP*AP*CP*GP*CP*CP*GP*GP*CP*A)-3')"
3 polymer "DNA (5'-D(*TP*GP*CP*CP*GP*GP*CP*GP*TP*TP*TP*TP*GP*CP*CP*AP*GP*T)-3')"
4 water water
#
loop_
_entity_poly.entity_id
_entity_poly.type
_entity_poly.pdbx_seq_one_letter_code
_entity_poly.pdbx_strand_id
1 'polypeptide(L)'
;GPH(MSE)RPLKQATPTYSSRTADKFVVRLPEG(MSE)REQIAEVARSHHRS(MSE)NSEIIARLEQSLLQEGALQDNLG
V
;
A,B,C,D
2 'polydeoxyribonucleotide' (DA)(DC)(DT)(DG)(DG)(DC)(DA)(DA)(DA)(DA)(DC)(DG)(DC)(DC)(DG)(DG)(DC)(DA) E
3 'polydeoxyribonucleotide' (DT)(DG)(DC)(DC)(DG)(DG)(DC)(DG)(DT)(DT)(DT)(DT)(DG)(DC)(DC)(DA)(DG)(DT) F
#
loop_
_chem_comp.id
_chem_comp.type
_chem_comp.name
_chem_comp.formula
DA DNA linking 2'-DEOXYADENOSINE-5'-MONOPHOSPHATE 'C10 H14 N5 O6 P'
DC DNA linking 2'-DEOXYCYTIDINE-5'-MONOPHOSPHATE 'C9 H14 N3 O7 P'
DG DNA linking 2'-DEOXYGUANOSINE-5'-MONOPHOSPHATE 'C10 H14 N5 O7 P'
DT DNA linking THYMIDINE-5'-MONOPHOSPHATE 'C10 H15 N2 O8 P'
#
# COMPACT_ATOMS: atom_id res chain seq x y z
N THR A 13 -1.42 -21.21 -10.72
CA THR A 13 -2.31 -21.03 -11.90
C THR A 13 -2.42 -19.56 -12.34
N TYR A 14 -2.47 -18.65 -11.37
CA TYR A 14 -2.63 -17.22 -11.66
C TYR A 14 -1.54 -16.38 -10.99
N SER A 15 -0.34 -16.41 -11.58
CA SER A 15 0.79 -15.62 -11.11
C SER A 15 0.78 -14.26 -11.78
N SER A 16 1.85 -13.51 -11.57
CA SER A 16 1.98 -12.19 -12.19
C SER A 16 2.34 -12.28 -13.67
N ARG A 17 2.93 -13.40 -14.10
CA ARG A 17 3.20 -13.58 -15.52
C ARG A 17 1.95 -14.04 -16.27
N THR A 18 0.99 -14.57 -15.54
CA THR A 18 -0.28 -15.03 -16.09
C THR A 18 -1.30 -13.89 -16.14
N ALA A 19 -1.21 -12.97 -15.17
CA ALA A 19 -2.20 -11.90 -14.97
C ALA A 19 -2.53 -11.07 -16.22
N ASP A 20 -3.73 -10.48 -16.23
CA ASP A 20 -4.24 -9.75 -17.39
C ASP A 20 -3.64 -8.34 -17.50
N LYS A 21 -2.69 -8.17 -18.41
CA LYS A 21 -2.06 -6.88 -18.63
C LYS A 21 -2.99 -5.94 -19.40
N PHE A 22 -2.88 -4.65 -19.13
CA PHE A 22 -3.67 -3.63 -19.83
C PHE A 22 -2.94 -2.30 -19.88
N VAL A 23 -2.60 -1.84 -21.08
CA VAL A 23 -1.90 -0.56 -21.24
C VAL A 23 -2.82 0.61 -20.96
N VAL A 24 -2.47 1.43 -19.98
CA VAL A 24 -3.26 2.63 -19.69
C VAL A 24 -2.55 3.87 -20.19
N ARG A 25 -3.09 4.47 -21.25
CA ARG A 25 -2.48 5.64 -21.86
C ARG A 25 -2.76 6.86 -21.01
N LEU A 26 -1.80 7.21 -20.17
CA LEU A 26 -1.96 8.30 -19.21
C LEU A 26 -1.85 9.67 -19.86
N PRO A 27 -2.73 10.60 -19.45
CA PRO A 27 -2.62 12.02 -19.76
C PRO A 27 -1.31 12.61 -19.25
N GLU A 28 -0.97 13.80 -19.75
CA GLU A 28 0.28 14.46 -19.37
C GLU A 28 0.42 14.57 -17.86
N GLY A 29 1.61 14.18 -17.36
CA GLY A 29 1.97 14.36 -15.96
C GLY A 29 1.07 13.71 -14.92
N MSE A 30 0.14 12.87 -15.38
CA MSE A 30 -0.72 12.13 -14.47
C MSE A 30 0.06 10.94 -13.92
O MSE A 30 -0.16 10.52 -12.79
CB MSE A 30 -1.98 11.64 -15.18
CG MSE A 30 -3.12 11.35 -14.21
SE MSE A 30 -4.11 9.74 -14.67
CE MSE A 30 -5.65 10.01 -13.51
N ARG A 31 0.95 10.39 -14.75
CA ARG A 31 1.84 9.33 -14.33
C ARG A 31 2.67 9.79 -13.13
N GLU A 32 3.32 10.94 -13.28
CA GLU A 32 4.11 11.52 -12.18
C GLU A 32 3.26 11.72 -10.93
N GLN A 33 1.97 11.98 -11.12
CA GLN A 33 1.06 12.19 -10.02
C GLN A 33 0.74 10.89 -9.27
N ILE A 34 0.55 9.80 -10.01
CA ILE A 34 0.41 8.47 -9.39
C ILE A 34 1.68 8.12 -8.61
N ALA A 35 2.83 8.32 -9.24
CA ALA A 35 4.13 8.00 -8.66
C ALA A 35 4.28 8.57 -7.26
N GLU A 36 4.07 9.89 -7.14
CA GLU A 36 4.18 10.57 -5.85
C GLU A 36 3.28 9.95 -4.81
N VAL A 37 2.06 9.60 -5.20
CA VAL A 37 1.12 8.94 -4.29
C VAL A 37 1.64 7.55 -3.93
N ALA A 38 2.07 6.80 -4.94
CA ALA A 38 2.55 5.43 -4.76
C ALA A 38 3.67 5.34 -3.74
N ARG A 39 4.68 6.21 -3.88
CA ARG A 39 5.81 6.28 -2.94
C ARG A 39 5.33 6.49 -1.52
N SER A 40 4.50 7.52 -1.33
CA SER A 40 4.02 7.89 -0.01
C SER A 40 3.19 6.79 0.66
N HIS A 41 2.49 6.00 -0.14
CA HIS A 41 1.68 4.92 0.40
C HIS A 41 2.45 3.60 0.46
N HIS A 42 3.72 3.66 0.08
CA HIS A 42 4.63 2.52 0.16
C HIS A 42 4.20 1.31 -0.64
N ARG A 43 3.70 1.55 -1.84
CA ARG A 43 3.35 0.46 -2.75
C ARG A 43 3.80 0.70 -4.18
N SER A 44 3.97 -0.39 -4.92
CA SER A 44 4.37 -0.33 -6.32
C SER A 44 3.33 0.44 -7.10
N MSE A 45 3.68 0.87 -8.30
CA MSE A 45 2.73 1.63 -9.09
C MSE A 45 1.56 0.76 -9.50
O MSE A 45 0.43 1.22 -9.51
CB MSE A 45 3.39 2.23 -10.32
CG MSE A 45 2.63 3.43 -10.79
SE MSE A 45 3.60 4.50 -12.08
CE MSE A 45 5.43 4.42 -11.34
N ASN A 46 1.85 -0.50 -9.83
CA ASN A 46 0.81 -1.45 -10.14
C ASN A 46 -0.21 -1.50 -9.01
N SER A 47 0.25 -1.86 -7.82
CA SER A 47 -0.60 -1.94 -6.62
C SER A 47 -1.35 -0.65 -6.37
N GLU A 48 -0.70 0.47 -6.64
CA GLU A 48 -1.33 1.77 -6.49
C GLU A 48 -2.59 1.84 -7.35
N ILE A 49 -2.42 1.65 -8.67
CA ILE A 49 -3.51 1.66 -9.63
C ILE A 49 -4.63 0.71 -9.20
N ILE A 50 -4.26 -0.54 -8.94
CA ILE A 50 -5.20 -1.58 -8.49
C ILE A 50 -6.00 -1.11 -7.29
N ALA A 51 -5.31 -0.69 -6.23
CA ALA A 51 -5.96 -0.26 -5.00
C ALA A 51 -7.01 0.81 -5.24
N ARG A 52 -6.70 1.78 -6.11
CA ARG A 52 -7.61 2.88 -6.39
C ARG A 52 -8.80 2.42 -7.21
N LEU A 53 -8.54 1.62 -8.24
CA LEU A 53 -9.59 1.04 -9.07
C LEU A 53 -10.56 0.22 -8.20
N GLU A 54 -10.00 -0.77 -7.51
CA GLU A 54 -10.76 -1.62 -6.59
C GLU A 54 -11.69 -0.82 -5.70
N GLN A 55 -11.17 0.27 -5.12
CA GLN A 55 -11.96 1.09 -4.21
C GLN A 55 -13.04 1.84 -4.96
N SER A 56 -12.68 2.38 -6.13
CA SER A 56 -13.62 3.11 -6.98
C SER A 56 -14.76 2.21 -7.44
N LEU A 57 -14.43 0.97 -7.78
CA LEU A 57 -15.42 -0.04 -8.14
C LEU A 57 -16.39 -0.33 -7.00
N LEU A 58 -15.86 -0.58 -5.80
CA LEU A 58 -16.67 -0.95 -4.65
C LEU A 58 -17.59 0.16 -4.15
N GLN A 59 -17.24 1.41 -4.43
CA GLN A 59 -18.06 2.56 -4.06
C GLN A 59 -19.40 2.53 -4.80
N GLU A 60 -19.35 2.18 -6.08
CA GLU A 60 -20.55 2.05 -6.93
C GLU A 60 -21.36 0.81 -6.58
N GLY A 61 -20.70 -0.21 -6.02
CA GLY A 61 -21.34 -1.48 -5.68
C GLY A 61 -22.00 -1.53 -4.30
N ALA A 62 -21.87 -0.44 -3.55
CA ALA A 62 -22.49 -0.33 -2.21
C ALA A 62 -23.29 0.96 -2.07
N ALA B 19 1.80 10.60 -25.70
CA ALA B 19 1.40 10.32 -24.29
C ALA B 19 2.01 9.01 -23.78
N ASP B 20 2.55 9.05 -22.57
CA ASP B 20 3.15 7.85 -21.97
C ASP B 20 2.09 6.86 -21.49
N LYS B 21 2.49 5.60 -21.40
CA LYS B 21 1.58 4.53 -21.06
C LYS B 21 2.16 3.66 -19.94
N PHE B 22 1.27 2.94 -19.26
CA PHE B 22 1.65 2.06 -18.17
C PHE B 22 0.86 0.76 -18.28
N VAL B 23 1.55 -0.35 -18.54
CA VAL B 23 0.87 -1.64 -18.61
C VAL B 23 0.60 -2.13 -17.19
N VAL B 24 -0.67 -2.40 -16.90
CA VAL B 24 -1.12 -2.75 -15.56
C VAL B 24 -1.46 -4.23 -15.49
N ARG B 25 -0.68 -4.98 -14.72
CA ARG B 25 -1.07 -6.33 -14.35
C ARG B 25 -2.30 -6.25 -13.44
N LEU B 26 -3.36 -6.93 -13.83
CA LEU B 26 -4.63 -6.84 -13.13
C LEU B 26 -4.99 -8.15 -12.44
N PRO B 27 -5.68 -8.06 -11.28
CA PRO B 27 -6.08 -9.26 -10.55
C PRO B 27 -7.20 -10.00 -11.28
N GLU B 28 -7.53 -11.20 -10.77
CA GLU B 28 -8.52 -12.10 -11.37
C GLU B 28 -9.75 -11.42 -11.97
N GLY B 29 -10.58 -10.84 -11.11
CA GLY B 29 -11.88 -10.31 -11.51
C GLY B 29 -11.88 -9.12 -12.45
N MSE B 30 -11.03 -8.14 -12.15
CA MSE B 30 -11.08 -6.81 -12.79
C MSE B 30 -11.20 -6.81 -14.30
O MSE B 30 -12.02 -6.09 -14.87
CB MSE B 30 -9.87 -5.97 -12.38
CG MSE B 30 -9.94 -5.47 -10.96
SE MSE B 30 -8.85 -3.89 -10.71
CE MSE B 30 -8.96 -3.79 -8.78
N ARG B 31 -10.36 -7.62 -14.95
CA ARG B 31 -10.29 -7.68 -16.41
C ARG B 31 -11.64 -7.47 -17.09
N GLU B 32 -12.58 -8.39 -16.84
CA GLU B 32 -13.91 -8.30 -17.41
C GLU B 32 -14.70 -7.18 -16.76
N GLN B 33 -14.80 -7.21 -15.43
CA GLN B 33 -15.55 -6.21 -14.66
C GLN B 33 -15.29 -4.78 -15.09
N ILE B 34 -14.06 -4.50 -15.56
CA ILE B 34 -13.69 -3.17 -15.99
C ILE B 34 -14.34 -2.81 -17.33
N ALA B 35 -14.47 -3.82 -18.20
CA ALA B 35 -15.09 -3.64 -19.52
C ALA B 35 -16.59 -3.40 -19.39
N GLU B 36 -17.22 -4.17 -18.48
CA GLU B 36 -18.64 -4.08 -18.22
C GLU B 36 -19.07 -2.64 -17.96
N VAL B 37 -18.39 -1.99 -17.02
CA VAL B 37 -18.70 -0.62 -16.62
C VAL B 37 -18.41 0.38 -17.75
N ALA B 38 -17.42 0.07 -18.58
CA ALA B 38 -17.03 0.95 -19.69
C ALA B 38 -18.16 1.11 -20.72
N ARG B 39 -18.73 -0.01 -21.17
CA ARG B 39 -19.82 0.04 -22.14
C ARG B 39 -21.04 0.75 -21.55
N SER B 40 -21.41 0.38 -20.33
CA SER B 40 -22.55 0.97 -19.65
C SER B 40 -22.35 2.46 -19.40
N HIS B 41 -21.11 2.92 -19.52
CA HIS B 41 -20.78 4.34 -19.40
C HIS B 41 -20.52 4.97 -20.76
N HIS B 42 -20.62 4.16 -21.80
CA HIS B 42 -20.42 4.59 -23.20
C HIS B 42 -19.10 5.34 -23.38
N ARG B 43 -18.01 4.65 -23.02
CA ARG B 43 -16.64 5.14 -23.15
C ARG B 43 -15.72 3.93 -23.18
N SER B 44 -14.51 4.09 -23.73
CA SER B 44 -13.57 2.99 -23.83
C SER B 44 -13.00 2.62 -22.46
N MSE B 45 -12.37 1.45 -22.39
CA MSE B 45 -11.81 0.94 -21.15
C MSE B 45 -10.79 1.91 -20.58
O MSE B 45 -10.90 2.34 -19.43
CB MSE B 45 -11.15 -0.40 -21.41
CG MSE B 45 -11.66 -1.52 -20.57
SE MSE B 45 -11.74 -3.10 -21.69
CE MSE B 45 -13.23 -2.55 -22.83
N ASN B 46 -9.81 2.27 -21.40
CA ASN B 46 -8.80 3.26 -21.05
C ASN B 46 -9.44 4.59 -20.61
N SER B 47 -10.61 4.91 -21.16
CA SER B 47 -11.35 6.10 -20.76
C SER B 47 -11.95 5.92 -19.37
N GLU B 48 -12.37 4.69 -19.06
CA GLU B 48 -12.96 4.38 -17.76
C GLU B 48 -11.88 4.46 -16.68
N ILE B 49 -10.83 3.68 -16.86
CA ILE B 49 -9.75 3.58 -15.88
C ILE B 49 -9.21 4.95 -15.50
N ILE B 50 -8.89 5.76 -16.50
CA ILE B 50 -8.34 7.10 -16.26
C ILE B 50 -9.34 8.01 -15.55
N ALA B 51 -10.61 7.87 -15.90
CA ALA B 51 -11.67 8.64 -15.24
C ALA B 51 -11.75 8.30 -13.76
N ARG B 52 -11.74 7.00 -13.45
CA ARG B 52 -11.76 6.52 -12.07
C ARG B 52 -10.52 6.98 -11.32
N LEU B 53 -9.36 6.82 -11.96
CA LEU B 53 -8.08 7.18 -11.38
C LEU B 53 -8.03 8.63 -10.96
N GLU B 54 -8.56 9.53 -11.79
CA GLU B 54 -8.54 10.95 -11.48
C GLU B 54 -9.48 11.31 -10.34
N GLN B 55 -10.59 10.59 -10.25
CA GLN B 55 -11.53 10.73 -9.14
C GLN B 55 -10.85 10.34 -7.83
N SER B 56 -10.18 9.18 -7.83
CA SER B 56 -9.40 8.72 -6.67
C SER B 56 -8.39 9.77 -6.23
N LEU B 57 -7.62 10.28 -7.19
CA LEU B 57 -6.60 11.29 -6.90
C LEU B 57 -7.22 12.58 -6.38
N LEU B 58 -8.46 12.85 -6.77
CA LEU B 58 -9.18 14.03 -6.28
C LEU B 58 -9.67 13.85 -4.85
N GLN B 59 -10.02 12.62 -4.47
CA GLN B 59 -10.36 12.29 -3.08
C GLN B 59 -9.24 12.63 -2.11
N GLU B 60 -8.00 12.50 -2.59
CA GLU B 60 -6.80 12.81 -1.81
C GLU B 60 -6.69 14.30 -1.47
N GLY B 61 -7.26 15.16 -2.33
CA GLY B 61 -7.24 16.60 -2.12
C GLY B 61 -8.00 17.09 -0.89
N ALA B 62 -8.60 16.15 -0.14
CA ALA B 62 -9.35 16.46 1.07
C ALA B 62 -8.45 16.91 2.22
N THR C 13 25.36 2.91 -2.50
CA THR C 13 23.91 3.19 -2.73
C THR C 13 23.01 2.36 -1.82
N TYR C 14 21.73 2.75 -1.73
CA TYR C 14 20.80 2.16 -0.76
C TYR C 14 19.58 1.54 -1.44
N SER C 15 19.76 0.30 -1.91
CA SER C 15 18.66 -0.47 -2.50
C SER C 15 17.93 -1.25 -1.42
N SER C 16 17.09 -2.20 -1.83
CA SER C 16 16.42 -3.09 -0.88
C SER C 16 17.41 -4.11 -0.30
N ARG C 17 18.28 -4.63 -1.16
CA ARG C 17 19.28 -5.61 -0.72
C ARG C 17 20.45 -4.98 0.05
N THR C 18 20.38 -3.67 0.27
CA THR C 18 21.36 -2.95 1.09
C THR C 18 20.76 -2.57 2.44
N ALA C 19 19.44 -2.33 2.44
CA ALA C 19 18.72 -1.77 3.58
C ALA C 19 18.97 -2.45 4.92
N ASP C 20 18.97 -1.65 5.99
CA ASP C 20 19.11 -2.12 7.36
C ASP C 20 18.07 -3.19 7.65
N LYS C 21 18.51 -4.30 8.24
CA LYS C 21 17.60 -5.38 8.61
C LYS C 21 17.49 -5.53 10.11
N PHE C 22 16.26 -5.54 10.60
CA PHE C 22 16.00 -5.75 12.02
C PHE C 22 15.02 -6.92 12.14
N VAL C 23 15.39 -7.90 12.96
CA VAL C 23 14.54 -9.06 13.15
C VAL C 23 13.54 -8.78 14.26
N VAL C 24 12.27 -8.61 13.88
CA VAL C 24 11.22 -8.32 14.86
C VAL C 24 10.64 -9.62 15.38
N ARG C 25 10.68 -9.80 16.70
CA ARG C 25 10.00 -10.92 17.35
C ARG C 25 8.55 -10.52 17.59
N LEU C 26 7.63 -11.13 16.85
CA LEU C 26 6.21 -10.78 16.96
C LEU C 26 5.48 -11.67 17.96
N PRO C 27 4.49 -11.09 18.67
CA PRO C 27 3.65 -11.85 19.58
C PRO C 27 2.70 -12.79 18.86
N GLU C 28 1.92 -13.52 19.64
CA GLU C 28 0.91 -14.47 19.16
C GLU C 28 0.01 -13.87 18.08
N GLY C 29 0.06 -14.46 16.88
CA GLY C 29 -0.91 -14.17 15.82
C GLY C 29 -0.75 -12.87 15.05
N MSE C 30 0.09 -11.96 15.54
CA MSE C 30 0.34 -10.69 14.87
C MSE C 30 0.74 -10.86 13.41
O MSE C 30 0.39 -10.03 12.58
CB MSE C 30 1.44 -9.90 15.59
CG MSE C 30 0.96 -8.61 16.21
SE MSE C 30 2.36 -7.26 16.05
CE MSE C 30 1.59 -5.90 17.20
N ARG C 31 1.50 -11.91 13.12
CA ARG C 31 1.98 -12.17 11.77
C ARG C 31 0.84 -12.24 10.77
N GLU C 32 -0.12 -13.14 10.99
CA GLU C 32 -1.26 -13.34 10.09
C GLU C 32 -2.10 -12.08 10.01
N GLN C 33 -2.22 -11.41 11.15
CA GLN C 33 -2.94 -10.16 11.25
C GLN C 33 -2.33 -9.11 10.34
N ILE C 34 -1.01 -9.01 10.37
CA ILE C 34 -0.27 -8.05 9.53
C ILE C 34 -0.37 -8.42 8.05
N ALA C 35 -0.19 -9.71 7.74
CA ALA C 35 -0.28 -10.21 6.37
C ALA C 35 -1.66 -9.92 5.77
N GLU C 36 -2.71 -10.13 6.57
CA GLU C 36 -4.07 -9.86 6.12
C GLU C 36 -4.26 -8.40 5.76
N VAL C 37 -3.90 -7.51 6.66
CA VAL C 37 -4.01 -6.08 6.39
C VAL C 37 -3.07 -5.66 5.23
N ALA C 38 -1.94 -6.34 5.08
CA ALA C 38 -1.01 -6.07 4.00
C ALA C 38 -1.65 -6.32 2.64
N ARG C 39 -2.23 -7.49 2.46
CA ARG C 39 -2.98 -7.84 1.24
C ARG C 39 -4.14 -6.90 1.04
N SER C 40 -4.84 -6.62 2.13
CA SER C 40 -5.96 -5.71 2.14
C SER C 40 -5.58 -4.34 1.57
N HIS C 41 -4.31 -3.98 1.68
CA HIS C 41 -3.83 -2.68 1.21
C HIS C 41 -2.93 -2.77 -0.03
N HIS C 42 -2.83 -3.97 -0.60
CA HIS C 42 -1.96 -4.21 -1.77
C HIS C 42 -0.54 -3.77 -1.49
N ARG C 43 0.08 -4.46 -0.54
CA ARG C 43 1.42 -4.14 -0.06
C ARG C 43 2.10 -5.35 0.51
N SER C 44 3.42 -5.40 0.37
CA SER C 44 4.23 -6.43 1.00
C SER C 44 4.17 -6.20 2.50
N MSE C 45 4.38 -7.26 3.28
CA MSE C 45 4.34 -7.15 4.74
C MSE C 45 5.36 -6.11 5.19
O MSE C 45 5.09 -5.33 6.10
CB MSE C 45 4.64 -8.48 5.41
CG MSE C 45 3.89 -9.64 4.82
SE MSE C 45 3.83 -11.13 6.08
CE MSE C 45 3.81 -12.59 4.74
N ASN C 46 6.51 -6.13 4.54
CA ASN C 46 7.57 -5.19 4.83
C ASN C 46 7.08 -3.76 4.68
N SER C 47 6.59 -3.42 3.48
CA SER C 47 6.05 -2.09 3.22
C SER C 47 4.90 -1.78 4.17
N GLU C 48 4.06 -2.77 4.44
CA GLU C 48 2.97 -2.62 5.37
C GLU C 48 3.49 -2.16 6.74
N ILE C 49 4.48 -2.87 7.26
CA ILE C 49 5.09 -2.53 8.55
C ILE C 49 5.72 -1.14 8.55
N ILE C 50 6.58 -0.89 7.57
CA ILE C 50 7.21 0.42 7.41
C ILE C 50 6.16 1.54 7.37
N ALA C 51 5.12 1.35 6.57
CA ALA C 51 4.06 2.35 6.44
C ALA C 51 3.45 2.73 7.79
N ARG C 52 3.11 1.74 8.59
CA ARG C 52 2.49 1.99 9.90
C ARG C 52 3.48 2.63 10.88
N LEU C 53 4.69 2.10 10.91
CA LEU C 53 5.73 2.64 11.77
C LEU C 53 5.99 4.10 11.45
N GLU C 54 6.15 4.38 10.16
CA GLU C 54 6.35 5.75 9.69
C GLU C 54 5.24 6.67 10.19
N GLN C 55 4.00 6.29 9.97
CA GLN C 55 2.88 7.14 10.35
C GLN C 55 2.82 7.33 11.86
N SER C 56 3.19 6.29 12.59
CA SER C 56 3.27 6.37 14.04
C SER C 56 4.29 7.41 14.49
N LEU C 57 5.43 7.44 13.80
CA LEU C 57 6.55 8.29 14.20
C LEU C 57 6.29 9.77 14.00
N LEU C 58 5.82 10.15 12.82
CA LEU C 58 5.56 11.56 12.51
C LEU C 58 4.38 12.09 13.31
N GLN C 59 3.48 11.18 13.68
CA GLN C 59 2.38 11.49 14.58
C GLN C 59 2.92 11.92 15.95
N GLU C 60 4.11 11.43 16.30
CA GLU C 60 4.80 11.79 17.53
C GLU C 60 5.80 12.94 17.29
N GLY C 61 5.57 13.72 16.23
CA GLY C 61 6.45 14.82 15.87
C GLY C 61 7.68 14.38 15.10
N ALA D 19 7.18 -16.98 20.25
CA ALA D 19 7.33 -15.77 19.39
C ALA D 19 8.05 -16.09 18.08
N ASP D 20 7.38 -15.82 16.95
CA ASP D 20 7.97 -16.00 15.63
C ASP D 20 8.66 -14.71 15.16
N LYS D 21 9.61 -14.86 14.25
CA LYS D 21 10.44 -13.76 13.80
C LYS D 21 9.98 -13.26 12.43
N PHE D 22 10.33 -12.02 12.11
CA PHE D 22 10.12 -11.45 10.79
C PHE D 22 11.15 -10.35 10.55
N VAL D 23 12.08 -10.57 9.61
CA VAL D 23 13.12 -9.58 9.36
C VAL D 23 12.57 -8.42 8.54
N VAL D 24 12.72 -7.20 9.07
CA VAL D 24 12.23 -6.01 8.41
C VAL D 24 13.39 -5.29 7.75
N ARG D 25 13.21 -4.89 6.50
CA ARG D 25 14.17 -4.00 5.86
C ARG D 25 13.66 -2.58 6.05
N LEU D 26 14.36 -1.79 6.86
CA LEU D 26 13.94 -0.42 7.11
C LEU D 26 14.68 0.55 6.19
N PRO D 27 13.98 1.60 5.71
CA PRO D 27 14.61 2.60 4.85
C PRO D 27 15.67 3.41 5.58
N GLU D 28 16.33 4.31 4.85
CA GLU D 28 17.50 5.04 5.32
C GLU D 28 17.55 5.39 6.81
N GLY D 29 16.71 6.35 7.23
CA GLY D 29 16.83 6.91 8.57
C GLY D 29 16.03 6.25 9.67
N MSE D 30 15.30 5.19 9.32
CA MSE D 30 14.34 4.55 10.23
C MSE D 30 14.95 3.93 11.48
O MSE D 30 14.40 4.07 12.56
CB MSE D 30 13.54 3.48 9.48
CG MSE D 30 12.29 4.00 8.79
SE MSE D 30 10.65 3.36 9.61
CE MSE D 30 10.70 1.49 9.08
N ARG D 31 16.08 3.25 11.31
CA ARG D 31 16.70 2.55 12.43
C ARG D 31 17.02 3.51 13.57
N GLU D 32 17.80 4.55 13.27
CA GLU D 32 18.16 5.56 14.26
C GLU D 32 16.93 6.27 14.81
N GLN D 33 15.93 6.45 13.96
CA GLN D 33 14.71 7.13 14.34
C GLN D 33 13.96 6.32 15.39
N ILE D 34 13.84 5.02 15.15
CA ILE D 34 13.19 4.11 16.08
C ILE D 34 14.02 3.98 17.36
N ALA D 35 15.33 3.87 17.19
CA ALA D 35 16.26 3.76 18.30
C ALA D 35 16.04 4.88 19.30
N GLU D 36 15.96 6.12 18.80
CA GLU D 36 15.78 7.28 19.65
C GLU D 36 14.49 7.21 20.44
N VAL D 37 13.39 6.99 19.75
CA VAL D 37 12.07 6.91 20.36
C VAL D 37 12.02 5.82 21.43
N ALA D 38 12.60 4.66 21.13
CA ALA D 38 12.66 3.56 22.10
C ALA D 38 13.37 4.01 23.37
N ARG D 39 14.55 4.60 23.20
CA ARG D 39 15.32 5.14 24.31
C ARG D 39 14.49 6.13 25.10
N SER D 40 13.68 6.89 24.39
CA SER D 40 12.81 7.88 25.00
C SER D 40 11.75 7.21 25.88
N HIS D 41 11.18 6.11 25.40
CA HIS D 41 10.13 5.40 26.15
C HIS D 41 10.68 4.33 27.09
N HIS D 42 12.01 4.26 27.25
CA HIS D 42 12.66 3.26 28.10
C HIS D 42 12.25 1.82 27.75
N ARG D 43 12.26 1.52 26.46
CA ARG D 43 11.87 0.21 25.95
C ARG D 43 12.92 -0.36 25.01
N SER D 44 12.94 -1.68 24.91
CA SER D 44 13.63 -2.39 23.85
C SER D 44 13.17 -1.86 22.50
N MSE D 45 14.04 -1.95 21.49
CA MSE D 45 13.69 -1.51 20.15
C MSE D 45 12.53 -2.35 19.60
O MSE D 45 11.57 -1.82 19.05
CB MSE D 45 14.89 -1.60 19.23
CG MSE D 45 15.13 -0.36 18.42
SE MSE D 45 16.24 -0.69 16.85
CE MSE D 45 14.83 -1.15 15.57
N ASN D 46 12.65 -3.67 19.77
CA ASN D 46 11.59 -4.59 19.38
C ASN D 46 10.29 -4.27 20.12
N SER D 47 10.38 -3.94 21.41
CA SER D 47 9.21 -3.56 22.20
C SER D 47 8.56 -2.32 21.62
N GLU D 48 9.38 -1.34 21.28
CA GLU D 48 8.92 -0.11 20.67
C GLU D 48 8.19 -0.39 19.36
N ILE D 49 8.83 -1.16 18.48
CA ILE D 49 8.25 -1.51 17.18
C ILE D 49 6.90 -2.16 17.37
N ILE D 50 6.84 -3.17 18.23
CA ILE D 50 5.60 -3.90 18.45
C ILE D 50 4.53 -2.99 19.06
N ALA D 51 4.88 -2.27 20.12
CA ALA D 51 3.95 -1.34 20.75
C ALA D 51 3.31 -0.43 19.71
N ARG D 52 4.11 0.01 18.75
CA ARG D 52 3.62 0.89 17.70
C ARG D 52 2.78 0.16 16.67
N LEU D 53 3.28 -0.98 16.19
CA LEU D 53 2.53 -1.84 15.28
C LEU D 53 1.20 -2.26 15.88
N GLU D 54 1.17 -2.41 17.21
CA GLU D 54 -0.05 -2.82 17.92
C GLU D 54 -1.13 -1.75 17.85
N GLN D 55 -0.79 -0.55 18.32
CA GLN D 55 -1.74 0.55 18.36
C GLN D 55 -2.14 0.98 16.96
N SER D 56 -1.27 0.72 15.99
CA SER D 56 -1.55 1.06 14.59
C SER D 56 -2.60 0.14 14.02
N LEU D 57 -2.56 -1.13 14.42
CA LEU D 57 -3.52 -2.12 13.94
C LEU D 57 -4.91 -1.90 14.51
N LEU D 58 -5.02 -1.86 15.84
CA LEU D 58 -6.32 -1.66 16.46
C LEU D 58 -6.89 -0.26 16.28
N GLN D 59 -6.06 0.66 15.80
CA GLN D 59 -6.50 2.03 15.50
C GLN D 59 -7.37 2.06 14.26
N GLU D 60 -6.91 1.37 13.21
CA GLU D 60 -7.68 1.26 11.97
C GLU D 60 -8.65 0.09 12.05
N GLY D 61 -8.38 -0.83 12.98
CA GLY D 61 -9.32 -1.90 13.32
C GLY D 61 -10.54 -1.36 14.05
N ALA D 62 -10.42 -0.14 14.55
CA ALA D 62 -11.53 0.60 15.15
C ALA D 62 -12.18 1.54 14.14
N LEU D 63 -12.08 1.20 12.86
CA LEU D 63 -12.80 1.91 11.80
C LEU D 63 -14.08 1.17 11.43
N GLN D 64 -14.66 0.48 12.42
CA GLN D 64 -15.96 -0.16 12.28
C GLN D 64 -17.02 0.94 12.34
N ASP D 65 -17.33 1.51 11.16
CA ASP D 65 -18.15 2.72 11.03
C ASP D 65 -17.54 3.91 11.77
N ASN D 66 -16.33 4.29 11.35
CA ASN D 66 -15.55 5.38 11.96
C ASN D 66 -15.22 5.17 13.43
#